data_4GPA
#
_entry.id   4GPA
#
_cell.length_a   104.540
_cell.length_b   104.540
_cell.length_c   108.980
_cell.angle_alpha   90.00
_cell.angle_beta   90.00
_cell.angle_gamma   90.00
#
_symmetry.space_group_name_H-M   'P 43 21 2'
#
loop_
_entity.id
_entity.type
_entity.pdbx_description
1 polymer 'Glutamate receptor 4'
2 branched 2-acetamido-2-deoxy-beta-D-glucopyranose-(1-4)-2-acetamido-2-deoxy-beta-D-glucopyranose
3 non-polymer 2-acetamido-2-deoxy-beta-D-glucopyranose
4 water water
#
_entity_poly.entity_id   1
_entity_poly.type   'polypeptide(L)'
_entity_poly.pdbx_seq_one_letter_code
;AFPSSVQIGGLFIRNTDQEYTAFRLAIFLHNTSPNASEAPFNLVPHVDNIETANSFAVTNAFCSQYSRGVFAIFGLYDKR
SVHTLTSFCSALHISLITPSFPTEGESQFVLQLRPSLRGALLSLLDHYEWNCFVFLYDTDRGYSILQAIMEKAGQNGWHV
SAICVENFNDVSYRQLLEELDRRQEKKFVIDCEIERLQNILEQIVSVGKHVKGYHYIIANLGFKDISLERFIHGGANVTG
FQLVDFNTPMVTKLMDRWKKLDQREYPGSETPPKYTSALTYDGVLVMAETFRSLRRQKIDISRRGNAGDCLANPAAPWGQ
GIDMERTLKQVRIQGLTGNVQFDHYGRRVNYTMDVFELKSTGPRKVGYWNDMDKLVLIQDRTKHHHHHH
;
_entity_poly.pdbx_strand_id   A
#
loop_
_chem_comp.id
_chem_comp.type
_chem_comp.name
_chem_comp.formula
NAG D-saccharide, beta linking 2-acetamido-2-deoxy-beta-D-glucopyranose 'C8 H15 N O6'
#
# COMPACT_ATOMS: atom_id res chain seq x y z
N PHE A 2 4.69 -7.05 31.65
CA PHE A 2 4.80 -6.45 30.29
C PHE A 2 5.71 -5.24 30.32
N PRO A 3 6.71 -5.20 29.43
CA PRO A 3 7.69 -4.12 29.39
C PRO A 3 7.04 -2.76 29.17
N SER A 4 7.68 -1.72 29.70
CA SER A 4 7.19 -0.35 29.53
C SER A 4 7.61 0.21 28.17
N SER A 5 8.57 -0.45 27.55
CA SER A 5 9.02 -0.07 26.21
C SER A 5 9.00 -1.28 25.29
N VAL A 6 8.42 -1.11 24.10
CA VAL A 6 8.33 -2.19 23.13
C VAL A 6 9.18 -1.86 21.91
N GLN A 7 10.11 -2.75 21.58
CA GLN A 7 11.01 -2.53 20.44
C GLN A 7 10.40 -3.07 19.15
N ILE A 8 10.27 -2.21 18.16
CA ILE A 8 9.79 -2.61 16.85
C ILE A 8 10.78 -2.19 15.78
N GLY A 9 10.81 -2.93 14.68
CA GLY A 9 11.67 -2.60 13.57
C GLY A 9 10.99 -1.66 12.59
N GLY A 10 11.79 -0.89 11.87
CA GLY A 10 11.29 -0.02 10.82
C GLY A 10 12.19 -0.16 9.62
N LEU A 11 11.66 -0.78 8.57
CA LEU A 11 12.46 -1.03 7.37
C LEU A 11 11.85 -0.31 6.18
N PHE A 12 12.46 0.80 5.80
CA PHE A 12 11.96 1.62 4.71
C PHE A 12 12.93 1.58 3.53
N ILE A 13 12.39 1.65 2.32
CA ILE A 13 13.21 1.57 1.12
C ILE A 13 13.22 2.90 0.38
N ARG A 14 13.64 2.87 -0.89
CA ARG A 14 13.86 4.08 -1.67
C ARG A 14 12.58 4.88 -1.91
N ASN A 15 12.70 6.20 -1.83
CA ASN A 15 11.57 7.11 -2.07
C ASN A 15 10.37 6.83 -1.18
N THR A 16 10.61 6.63 0.11
CA THR A 16 9.54 6.44 1.07
C THR A 16 9.64 7.45 2.20
N ASP A 17 10.00 8.68 1.84
CA ASP A 17 10.13 9.75 2.83
C ASP A 17 8.80 10.04 3.51
N GLN A 18 7.75 10.20 2.70
CA GLN A 18 6.46 10.55 3.27
C GLN A 18 5.97 9.44 4.18
N GLU A 19 6.15 8.20 3.76
CA GLU A 19 5.69 7.06 4.54
C GLU A 19 6.39 7.02 5.90
N TYR A 20 7.69 7.34 5.90
CA TYR A 20 8.46 7.36 7.14
C TYR A 20 8.02 8.54 8.00
N THR A 21 7.67 9.64 7.37
CA THR A 21 7.12 10.78 8.08
C THR A 21 5.83 10.39 8.81
N ALA A 22 5.00 9.59 8.15
CA ALA A 22 3.75 9.12 8.75
C ALA A 22 4.05 8.15 9.90
N PHE A 23 4.99 7.25 9.67
CA PHE A 23 5.46 6.34 10.70
C PHE A 23 5.88 7.10 11.95
N ARG A 24 6.67 8.15 11.76
CA ARG A 24 7.19 8.93 12.88
C ARG A 24 6.08 9.68 13.62
N LEU A 25 5.14 10.22 12.88
CA LEU A 25 4.03 10.96 13.48
C LEU A 25 3.19 10.04 14.37
N ALA A 26 2.85 8.86 13.86
CA ALA A 26 2.01 7.92 14.59
C ALA A 26 2.69 7.52 15.90
N ILE A 27 3.99 7.26 15.82
CA ILE A 27 4.75 6.84 16.98
C ILE A 27 4.84 7.96 18.02
N PHE A 28 5.05 9.18 17.54
CA PHE A 28 5.09 10.34 18.43
C PHE A 28 3.76 10.51 19.14
N LEU A 29 2.67 10.43 18.39
CA LEU A 29 1.34 10.59 18.95
C LEU A 29 1.03 9.51 19.97
N HIS A 30 1.63 8.34 19.80
CA HIS A 30 1.42 7.25 20.74
C HIS A 30 2.20 7.47 22.03
N ASN A 31 3.49 7.75 21.89
CA ASN A 31 4.37 7.91 23.04
C ASN A 31 4.05 9.14 23.88
N THR A 32 3.36 10.12 23.29
CA THR A 32 3.03 11.35 24.00
C THR A 32 1.54 11.45 24.30
N SER A 33 0.85 10.32 24.24
CA SER A 33 -0.59 10.27 24.51
C SER A 33 -0.88 10.61 25.98
N PRO A 34 -1.93 11.41 26.21
CA PRO A 34 -2.34 11.72 27.58
C PRO A 34 -3.14 10.58 28.19
N ASN A 35 -3.37 9.55 27.41
CA ASN A 35 -4.25 8.44 27.79
C ASN A 35 -3.47 7.18 28.14
N ALA A 36 -3.45 6.85 29.43
CA ALA A 36 -2.67 5.72 29.93
C ALA A 36 -3.15 4.40 29.33
N SER A 37 -4.42 4.34 28.96
CA SER A 37 -4.99 3.13 28.38
C SER A 37 -4.48 2.94 26.95
N GLU A 38 -4.34 4.04 26.22
CA GLU A 38 -3.83 3.98 24.86
C GLU A 38 -2.36 3.56 24.86
N ALA A 39 -1.59 4.10 25.82
CA ALA A 39 -0.15 3.93 25.81
C ALA A 39 0.43 3.46 27.15
N PRO A 40 0.11 2.22 27.55
CA PRO A 40 0.71 1.60 28.73
C PRO A 40 2.17 1.19 28.49
N PHE A 41 2.61 1.31 27.24
CA PHE A 41 3.99 1.06 26.88
C PHE A 41 4.41 2.11 25.89
N ASN A 42 5.71 2.30 25.73
CA ASN A 42 6.22 3.16 24.67
C ASN A 42 6.69 2.31 23.50
N LEU A 43 6.56 2.85 22.30
CA LEU A 43 7.08 2.20 21.11
C LEU A 43 8.47 2.73 20.82
N VAL A 44 9.45 1.84 20.76
CA VAL A 44 10.82 2.20 20.48
C VAL A 44 11.24 1.59 19.15
N PRO A 45 11.21 2.38 18.07
CA PRO A 45 11.55 1.92 16.74
C PRO A 45 13.05 1.84 16.49
N HIS A 46 13.47 0.77 15.83
CA HIS A 46 14.84 0.64 15.36
C HIS A 46 14.78 0.61 13.83
N VAL A 47 15.13 1.72 13.21
CA VAL A 47 14.82 1.95 11.81
C VAL A 47 16.01 1.90 10.88
N ASP A 48 15.79 1.34 9.69
CA ASP A 48 16.74 1.41 8.61
C ASP A 48 16.05 2.03 7.40
N ASN A 49 16.56 3.18 6.95
CA ASN A 49 16.08 3.80 5.73
C ASN A 49 17.14 3.58 4.65
N ILE A 50 16.89 2.61 3.78
CA ILE A 50 17.88 2.24 2.78
C ILE A 50 17.44 2.70 1.40
N GLU A 51 18.40 3.13 0.59
CA GLU A 51 18.10 3.77 -0.68
C GLU A 51 18.17 2.83 -1.87
N THR A 52 18.88 1.72 -1.73
CA THR A 52 18.99 0.74 -2.81
C THR A 52 17.81 -0.23 -2.80
N ALA A 53 17.64 -0.93 -1.67
CA ALA A 53 16.50 -1.82 -1.48
C ALA A 53 16.66 -3.17 -2.17
N ASN A 54 17.90 -3.52 -2.49
CA ASN A 54 18.19 -4.83 -3.06
C ASN A 54 18.18 -5.89 -1.97
N SER A 55 18.17 -7.16 -2.37
CA SER A 55 17.97 -8.26 -1.44
C SER A 55 19.07 -8.37 -0.38
N PHE A 56 20.31 -8.12 -0.77
CA PHE A 56 21.44 -8.23 0.15
C PHE A 56 21.30 -7.21 1.27
N ALA A 57 20.94 -6.00 0.90
CA ALA A 57 20.86 -4.90 1.85
C ALA A 57 19.67 -5.07 2.80
N VAL A 58 18.57 -5.61 2.27
CA VAL A 58 17.38 -5.82 3.08
C VAL A 58 17.61 -6.94 4.09
N THR A 59 18.33 -7.97 3.66
CA THR A 59 18.67 -9.06 4.54
C THR A 59 19.56 -8.57 5.68
N ASN A 60 20.54 -7.74 5.35
CA ASN A 60 21.43 -7.19 6.36
C ASN A 60 20.68 -6.30 7.32
N ALA A 61 19.77 -5.49 6.79
CA ALA A 61 18.92 -4.63 7.61
C ALA A 61 18.05 -5.48 8.55
N PHE A 62 17.44 -6.54 8.01
CA PHE A 62 16.61 -7.40 8.83
C PHE A 62 17.42 -7.97 9.99
N CYS A 63 18.60 -8.50 9.68
CA CYS A 63 19.43 -9.14 10.68
C CYS A 63 19.91 -8.16 11.74
N SER A 64 20.15 -6.92 11.34
CA SER A 64 20.54 -5.87 12.27
C SER A 64 19.40 -5.56 13.23
N GLN A 65 18.18 -5.49 12.70
CA GLN A 65 17.00 -5.24 13.53
C GLN A 65 16.71 -6.44 14.43
N TYR A 66 16.94 -7.63 13.88
CA TYR A 66 16.72 -8.87 14.61
C TYR A 66 17.63 -8.95 15.83
N SER A 67 18.86 -8.49 15.68
CA SER A 67 19.84 -8.56 16.75
C SER A 67 19.60 -7.46 17.79
N ARG A 68 18.92 -6.40 17.39
CA ARG A 68 18.53 -5.35 18.31
C ARG A 68 17.26 -5.73 19.08
N GLY A 69 16.82 -6.97 18.89
CA GLY A 69 15.75 -7.55 19.69
C GLY A 69 14.33 -7.04 19.41
N VAL A 70 14.04 -6.71 18.16
CA VAL A 70 12.69 -6.27 17.81
C VAL A 70 11.70 -7.43 17.92
N PHE A 71 10.46 -7.10 18.27
CA PHE A 71 9.41 -8.12 18.43
C PHE A 71 8.67 -8.30 17.11
N ALA A 72 8.63 -7.23 16.33
CA ALA A 72 7.99 -7.24 15.03
C ALA A 72 8.68 -6.20 14.18
N ILE A 73 8.47 -6.26 12.87
CA ILE A 73 9.07 -5.29 11.98
C ILE A 73 8.00 -4.68 11.10
N PHE A 74 7.91 -3.35 11.12
CA PHE A 74 7.12 -2.65 10.12
C PHE A 74 8.03 -2.44 8.93
N GLY A 75 7.71 -3.07 7.80
CA GLY A 75 8.62 -3.10 6.68
C GLY A 75 7.99 -2.96 5.31
N LEU A 76 8.71 -2.30 4.42
CA LEU A 76 8.32 -2.20 3.03
C LEU A 76 9.24 -3.06 2.18
N TYR A 77 8.72 -3.56 1.06
CA TYR A 77 9.52 -4.32 0.12
C TYR A 77 9.08 -4.04 -1.31
N ASP A 78 9.88 -4.52 -2.26
CA ASP A 78 9.45 -4.55 -3.65
C ASP A 78 9.77 -5.94 -4.21
N LYS A 79 9.60 -6.12 -5.51
CA LYS A 79 9.77 -7.43 -6.13
C LYS A 79 11.12 -8.04 -5.76
N ARG A 80 12.12 -7.20 -5.55
CA ARG A 80 13.48 -7.67 -5.32
C ARG A 80 13.73 -8.15 -3.89
N SER A 81 12.91 -7.71 -2.94
CA SER A 81 13.18 -7.97 -1.54
C SER A 81 12.04 -8.68 -0.82
N VAL A 82 10.88 -8.77 -1.48
CA VAL A 82 9.71 -9.36 -0.84
C VAL A 82 10.00 -10.76 -0.31
N HIS A 83 10.77 -11.53 -1.07
CA HIS A 83 10.99 -12.92 -0.71
C HIS A 83 11.91 -13.09 0.50
N THR A 84 13.03 -12.36 0.53
CA THR A 84 13.96 -12.46 1.67
C THR A 84 13.30 -11.98 2.95
N LEU A 85 12.71 -10.79 2.90
CA LEU A 85 12.13 -10.20 4.09
C LEU A 85 11.02 -11.09 4.67
N THR A 86 10.08 -11.52 3.82
CA THR A 86 8.99 -12.36 4.29
C THR A 86 9.50 -13.74 4.73
N SER A 87 10.53 -14.25 4.04
CA SER A 87 11.10 -15.55 4.36
C SER A 87 11.82 -15.54 5.71
N PHE A 88 12.63 -14.51 5.95
CA PHE A 88 13.35 -14.39 7.22
C PHE A 88 12.38 -14.18 8.37
N CYS A 89 11.31 -13.42 8.12
CA CYS A 89 10.34 -13.13 9.17
C CYS A 89 9.62 -14.40 9.64
N SER A 90 9.20 -15.22 8.69
CA SER A 90 8.45 -16.42 9.00
C SER A 90 9.36 -17.49 9.61
N ALA A 91 10.59 -17.57 9.12
CA ALA A 91 11.55 -18.55 9.63
C ALA A 91 11.86 -18.29 11.10
N LEU A 92 11.88 -17.02 11.48
CA LEU A 92 12.32 -16.63 12.82
C LEU A 92 11.15 -16.14 13.68
N HIS A 93 9.94 -16.24 13.15
CA HIS A 93 8.74 -15.88 13.91
C HIS A 93 8.75 -14.41 14.33
N ILE A 94 9.32 -13.57 13.49
CA ILE A 94 9.27 -12.13 13.68
C ILE A 94 8.24 -11.56 12.71
N SER A 95 7.11 -11.13 13.24
CA SER A 95 5.99 -10.71 12.41
C SER A 95 6.34 -9.49 11.58
N LEU A 96 5.99 -9.54 10.29
CA LEU A 96 6.15 -8.41 9.40
C LEU A 96 4.81 -7.70 9.21
N ILE A 97 4.79 -6.40 9.45
CA ILE A 97 3.64 -5.58 9.15
C ILE A 97 4.03 -4.67 8.01
N THR A 98 3.35 -4.78 6.87
CA THR A 98 3.75 -4.04 5.68
C THR A 98 2.59 -3.40 4.96
N PRO A 99 2.84 -2.23 4.36
CA PRO A 99 1.90 -1.52 3.51
C PRO A 99 2.14 -1.82 2.04
N SER A 100 3.07 -2.73 1.76
CA SER A 100 3.47 -3.03 0.38
C SER A 100 2.50 -3.99 -0.29
N PHE A 101 2.75 -4.29 -1.56
CA PHE A 101 1.82 -5.11 -2.34
C PHE A 101 1.61 -6.46 -1.69
N PRO A 102 0.36 -6.93 -1.66
CA PRO A 102 0.02 -8.20 -1.03
C PRO A 102 0.65 -9.37 -1.76
N THR A 103 0.93 -10.45 -1.03
CA THR A 103 1.61 -11.61 -1.58
C THR A 103 1.04 -12.87 -0.94
N GLU A 104 0.55 -13.79 -1.77
CA GLU A 104 -0.14 -14.97 -1.26
C GLU A 104 0.81 -16.00 -0.65
N GLY A 105 2.01 -16.11 -1.20
CA GLY A 105 2.98 -17.12 -0.76
C GLY A 105 3.09 -17.22 0.75
N GLU A 106 3.70 -16.21 1.36
CA GLU A 106 3.87 -16.17 2.81
C GLU A 106 2.51 -16.18 3.49
N SER A 107 2.31 -17.09 4.43
CA SER A 107 1.00 -17.29 5.03
C SER A 107 1.05 -17.18 6.56
N GLN A 108 2.26 -17.12 7.11
CA GLN A 108 2.43 -16.83 8.52
C GLN A 108 3.42 -15.68 8.71
N PHE A 109 3.17 -14.88 9.75
CA PHE A 109 4.10 -13.84 10.17
C PHE A 109 4.20 -12.70 9.17
N VAL A 110 3.21 -12.60 8.30
CA VAL A 110 3.10 -11.47 7.39
C VAL A 110 1.71 -10.86 7.46
N LEU A 111 1.62 -9.64 7.97
CA LEU A 111 0.36 -8.93 8.02
C LEU A 111 0.36 -7.86 6.93
N GLN A 112 -0.54 -8.01 5.97
CA GLN A 112 -0.58 -7.13 4.80
C GLN A 112 -1.66 -6.06 4.94
N LEU A 113 -1.23 -4.84 5.24
CA LEU A 113 -2.13 -3.72 5.45
C LEU A 113 -2.85 -3.30 4.18
N ARG A 114 -2.21 -3.50 3.03
CA ARG A 114 -2.78 -3.05 1.76
C ARG A 114 -3.86 -4.01 1.28
N PRO A 115 -5.10 -3.51 1.16
CA PRO A 115 -6.17 -4.35 0.65
C PRO A 115 -6.04 -4.57 -0.85
N SER A 116 -6.60 -5.67 -1.34
CA SER A 116 -6.52 -6.02 -2.75
C SER A 116 -7.41 -5.12 -3.61
N LEU A 117 -6.92 -4.82 -4.80
CA LEU A 117 -7.62 -3.97 -5.74
C LEU A 117 -8.22 -4.81 -6.87
N ARG A 118 -7.89 -6.10 -6.85
CA ARG A 118 -8.23 -7.01 -7.94
C ARG A 118 -9.72 -7.05 -8.25
N GLY A 119 -10.54 -7.35 -7.25
CA GLY A 119 -11.99 -7.44 -7.44
C GLY A 119 -12.59 -6.13 -7.94
N ALA A 120 -12.21 -5.04 -7.29
CA ALA A 120 -12.71 -3.73 -7.68
C ALA A 120 -12.39 -3.42 -9.13
N LEU A 121 -11.16 -3.70 -9.55
CA LEU A 121 -10.74 -3.38 -10.90
C LEU A 121 -11.51 -4.18 -11.93
N LEU A 122 -11.67 -5.47 -11.68
CA LEU A 122 -12.37 -6.35 -12.60
C LEU A 122 -13.86 -5.99 -12.67
N SER A 123 -14.44 -5.73 -11.50
CA SER A 123 -15.84 -5.31 -11.43
C SER A 123 -16.05 -4.06 -12.27
N LEU A 124 -15.08 -3.16 -12.22
CA LEU A 124 -15.17 -1.89 -12.92
C LEU A 124 -15.17 -2.11 -14.43
N LEU A 125 -14.28 -2.99 -14.90
CA LEU A 125 -14.18 -3.27 -16.32
C LEU A 125 -15.48 -3.87 -16.86
N ASP A 126 -16.15 -4.65 -16.02
CA ASP A 126 -17.45 -5.21 -16.39
C ASP A 126 -18.49 -4.10 -16.54
N HIS A 127 -18.70 -3.36 -15.46
CA HIS A 127 -19.65 -2.25 -15.46
C HIS A 127 -19.52 -1.40 -16.71
N TYR A 128 -18.29 -1.06 -17.09
CA TYR A 128 -18.05 -0.22 -18.25
C TYR A 128 -18.12 -1.01 -19.56
N GLU A 129 -18.18 -2.33 -19.44
CA GLU A 129 -18.27 -3.21 -20.60
C GLU A 129 -17.10 -3.00 -21.56
N TRP A 130 -15.90 -2.97 -21.01
CA TRP A 130 -14.68 -2.93 -21.81
C TRP A 130 -14.39 -4.31 -22.38
N ASN A 131 -14.06 -4.36 -23.67
CA ASN A 131 -13.74 -5.61 -24.35
C ASN A 131 -12.39 -5.51 -25.04
N CYS A 132 -12.09 -4.30 -25.50
CA CYS A 132 -10.81 -4.03 -26.15
CA CYS A 132 -10.81 -4.03 -26.15
C CYS A 132 -10.14 -2.85 -25.47
N PHE A 133 -9.06 -3.13 -24.75
CA PHE A 133 -8.31 -2.07 -24.09
C PHE A 133 -6.87 -2.49 -23.93
N VAL A 134 -5.99 -1.51 -23.72
CA VAL A 134 -4.58 -1.81 -23.52
C VAL A 134 -4.23 -1.60 -22.05
N PHE A 135 -3.31 -2.42 -21.55
CA PHE A 135 -2.94 -2.41 -20.15
C PHE A 135 -1.50 -1.94 -20.00
N LEU A 136 -1.33 -0.69 -19.59
CA LEU A 136 0.00 -0.14 -19.36
C LEU A 136 0.39 -0.39 -17.91
N TYR A 137 1.60 -0.87 -17.69
CA TYR A 137 1.98 -1.32 -16.36
C TYR A 137 3.48 -1.42 -16.15
N ASP A 138 3.87 -1.54 -14.89
CA ASP A 138 5.23 -1.90 -14.53
C ASP A 138 5.15 -3.03 -13.51
N THR A 139 6.30 -3.54 -13.09
CA THR A 139 6.33 -4.78 -12.32
C THR A 139 6.95 -4.61 -10.92
N ASP A 140 7.05 -3.37 -10.45
CA ASP A 140 7.62 -3.12 -9.14
C ASP A 140 6.80 -3.76 -8.03
N ARG A 141 5.51 -3.93 -8.27
CA ARG A 141 4.61 -4.52 -7.28
C ARG A 141 4.14 -5.92 -7.69
N GLY A 142 5.01 -6.65 -8.38
CA GLY A 142 4.69 -8.02 -8.79
C GLY A 142 3.76 -8.07 -9.99
N TYR A 143 3.22 -9.25 -10.26
CA TYR A 143 2.51 -9.50 -11.50
C TYR A 143 1.05 -9.91 -11.28
N SER A 144 0.56 -9.78 -10.06
CA SER A 144 -0.80 -10.22 -9.71
C SER A 144 -1.86 -9.55 -10.59
N ILE A 145 -1.78 -8.23 -10.70
CA ILE A 145 -2.77 -7.49 -11.47
C ILE A 145 -2.69 -7.88 -12.95
N LEU A 146 -1.48 -7.99 -13.47
CA LEU A 146 -1.29 -8.44 -14.85
C LEU A 146 -1.97 -9.79 -15.04
N GLN A 147 -1.63 -10.75 -14.18
CA GLN A 147 -2.21 -12.09 -14.26
C GLN A 147 -3.73 -12.06 -14.15
N ALA A 148 -4.24 -11.29 -13.19
CA ALA A 148 -5.67 -11.19 -12.98
C ALA A 148 -6.36 -10.68 -14.24
N ILE A 149 -5.80 -9.64 -14.85
CA ILE A 149 -6.37 -9.09 -16.08
C ILE A 149 -6.31 -10.09 -17.24
N MET A 150 -5.13 -10.67 -17.46
CA MET A 150 -4.96 -11.58 -18.59
C MET A 150 -5.81 -12.84 -18.45
N GLU A 151 -6.05 -13.28 -17.22
CA GLU A 151 -6.91 -14.43 -16.99
C GLU A 151 -8.37 -14.07 -17.22
N LYS A 152 -8.81 -12.95 -16.64
CA LYS A 152 -10.17 -12.46 -16.86
C LYS A 152 -10.41 -12.25 -18.34
N ALA A 153 -9.40 -11.71 -19.04
CA ALA A 153 -9.51 -11.45 -20.47
C ALA A 153 -9.68 -12.75 -21.26
N GLY A 154 -8.91 -13.77 -20.89
CA GLY A 154 -8.95 -15.05 -21.59
C GLY A 154 -10.26 -15.78 -21.42
N GLN A 155 -10.95 -15.53 -20.31
CA GLN A 155 -12.21 -16.20 -20.01
C GLN A 155 -13.42 -15.43 -20.52
N ASN A 156 -13.17 -14.25 -21.08
CA ASN A 156 -14.26 -13.36 -21.47
C ASN A 156 -14.13 -12.81 -22.89
N GLY A 157 -13.16 -13.34 -23.63
CA GLY A 157 -12.95 -12.92 -25.00
C GLY A 157 -12.62 -11.44 -25.14
N TRP A 158 -11.90 -10.91 -24.15
CA TRP A 158 -11.39 -9.55 -24.25
C TRP A 158 -10.15 -9.55 -25.12
N HIS A 159 -9.98 -8.50 -25.91
CA HIS A 159 -8.74 -8.31 -26.64
C HIS A 159 -7.92 -7.24 -25.94
N VAL A 160 -7.06 -7.68 -25.03
CA VAL A 160 -6.22 -6.79 -24.24
C VAL A 160 -4.81 -6.75 -24.79
N SER A 161 -4.25 -5.55 -24.92
CA SER A 161 -2.86 -5.39 -25.31
C SER A 161 -2.06 -4.90 -24.10
N ALA A 162 -1.26 -5.79 -23.54
CA ALA A 162 -0.44 -5.46 -22.37
C ALA A 162 0.90 -4.90 -22.80
N ILE A 163 1.33 -3.83 -22.14
CA ILE A 163 2.59 -3.18 -22.47
C ILE A 163 3.31 -2.69 -21.23
N CYS A 164 4.52 -3.18 -21.01
CA CYS A 164 5.34 -2.77 -19.87
C CYS A 164 6.13 -1.52 -20.23
N VAL A 165 6.09 -0.52 -19.36
CA VAL A 165 6.69 0.78 -19.66
C VAL A 165 7.92 1.09 -18.81
N GLU A 166 8.40 0.09 -18.07
CA GLU A 166 9.62 0.26 -17.30
C GLU A 166 10.75 0.68 -18.24
N ASN A 167 11.48 1.73 -17.85
CA ASN A 167 12.64 2.19 -18.61
C ASN A 167 12.28 2.74 -20.00
N PHE A 168 11.12 3.39 -20.08
CA PHE A 168 10.76 4.15 -21.27
C PHE A 168 11.24 5.59 -21.09
N ASN A 169 11.86 6.14 -22.11
CA ASN A 169 12.17 7.56 -22.12
C ASN A 169 11.21 8.30 -23.05
N ASP A 170 11.40 9.62 -23.17
CA ASP A 170 10.51 10.44 -23.99
C ASP A 170 10.36 9.86 -25.39
N VAL A 171 11.42 9.23 -25.89
CA VAL A 171 11.39 8.61 -27.21
C VAL A 171 10.55 7.34 -27.20
N SER A 172 10.83 6.45 -26.26
CA SER A 172 10.07 5.22 -26.11
C SER A 172 8.57 5.53 -26.10
N TYR A 173 8.20 6.56 -25.34
CA TYR A 173 6.79 6.92 -25.20
C TYR A 173 6.20 7.44 -26.51
N ARG A 174 6.89 8.38 -27.16
CA ARG A 174 6.43 8.90 -28.44
C ARG A 174 6.12 7.74 -29.37
N GLN A 175 7.12 6.92 -29.64
CA GLN A 175 6.92 5.71 -30.43
C GLN A 175 5.72 4.95 -29.89
N LEU A 176 5.74 4.69 -28.58
CA LEU A 176 4.65 3.98 -27.92
C LEU A 176 3.31 4.66 -28.19
N LEU A 177 3.21 5.94 -27.85
CA LEU A 177 1.98 6.69 -28.03
C LEU A 177 1.63 6.82 -29.50
N GLU A 178 2.66 6.80 -30.35
CA GLU A 178 2.46 6.88 -31.80
C GLU A 178 1.74 5.62 -32.30
N GLU A 179 2.43 4.49 -32.24
CA GLU A 179 1.83 3.22 -32.64
C GLU A 179 0.42 3.11 -32.08
N LEU A 180 0.28 3.39 -30.79
CA LEU A 180 -1.03 3.41 -30.15
C LEU A 180 -2.00 4.22 -30.97
N ASP A 181 -1.54 5.37 -31.45
CA ASP A 181 -2.35 6.27 -32.26
C ASP A 181 -2.79 5.59 -33.55
N ARG A 182 -1.88 4.84 -34.16
CA ARG A 182 -2.17 4.15 -35.42
C ARG A 182 -3.24 3.08 -35.24
N ARG A 183 -3.23 2.41 -34.09
CA ARG A 183 -4.20 1.36 -33.81
C ARG A 183 -5.52 1.94 -33.32
N GLN A 184 -5.50 3.22 -32.96
CA GLN A 184 -6.70 3.90 -32.48
C GLN A 184 -7.19 3.29 -31.18
N GLU A 185 -6.27 3.05 -30.26
CA GLU A 185 -6.63 2.55 -28.94
C GLU A 185 -7.27 3.68 -28.13
N LYS A 186 -8.45 3.41 -27.58
CA LYS A 186 -9.24 4.44 -26.90
C LYS A 186 -9.32 4.25 -25.38
N LYS A 187 -9.12 3.01 -24.93
CA LYS A 187 -9.34 2.66 -23.53
C LYS A 187 -8.10 2.06 -22.90
N PHE A 188 -7.76 2.53 -21.70
CA PHE A 188 -6.52 2.13 -21.04
C PHE A 188 -6.71 1.83 -19.55
N VAL A 189 -5.99 0.83 -19.08
CA VAL A 189 -5.81 0.60 -17.66
C VAL A 189 -4.36 0.86 -17.34
N ILE A 190 -4.12 1.74 -16.37
CA ILE A 190 -2.75 2.08 -16.00
C ILE A 190 -2.42 1.59 -14.60
N ASP A 191 -1.36 0.78 -14.51
CA ASP A 191 -0.92 0.22 -13.25
C ASP A 191 0.59 0.39 -13.11
N CYS A 192 1.00 1.55 -12.60
CA CYS A 192 2.42 1.88 -12.46
C CYS A 192 2.72 2.53 -11.11
N GLU A 193 4.00 2.65 -10.80
CA GLU A 193 4.44 3.44 -9.66
C GLU A 193 4.07 4.90 -9.92
N ILE A 194 3.78 5.63 -8.86
CA ILE A 194 3.32 7.02 -8.97
C ILE A 194 4.21 7.86 -9.89
N GLU A 195 5.52 7.73 -9.74
CA GLU A 195 6.45 8.52 -10.54
C GLU A 195 6.24 8.22 -12.02
N ARG A 196 6.17 6.93 -12.35
CA ARG A 196 5.98 6.50 -13.71
C ARG A 196 4.58 6.89 -14.19
N LEU A 197 3.61 6.80 -13.28
CA LEU A 197 2.23 7.19 -13.61
C LEU A 197 2.16 8.65 -14.03
N GLN A 198 2.75 9.52 -13.22
CA GLN A 198 2.78 10.94 -13.55
C GLN A 198 3.31 11.14 -14.97
N ASN A 199 4.39 10.42 -15.28
CA ASN A 199 5.07 10.56 -16.55
C ASN A 199 4.21 10.10 -17.73
N ILE A 200 3.66 8.91 -17.64
CA ILE A 200 2.76 8.40 -18.67
C ILE A 200 1.64 9.39 -18.94
N LEU A 201 1.03 9.88 -17.87
CA LEU A 201 -0.08 10.81 -17.99
C LEU A 201 0.33 12.06 -18.77
N GLU A 202 1.54 12.57 -18.49
CA GLU A 202 2.07 13.70 -19.23
C GLU A 202 2.21 13.38 -20.71
N GLN A 203 2.79 12.22 -21.00
CA GLN A 203 2.97 11.79 -22.38
C GLN A 203 1.62 11.77 -23.10
N ILE A 204 0.63 11.16 -22.45
CA ILE A 204 -0.72 11.11 -23.02
C ILE A 204 -1.25 12.51 -23.30
N VAL A 205 -0.93 13.45 -22.42
CA VAL A 205 -1.37 14.83 -22.59
C VAL A 205 -0.60 15.49 -23.73
N SER A 206 0.71 15.23 -23.80
CA SER A 206 1.52 15.72 -24.91
C SER A 206 0.96 15.20 -26.23
N VAL A 207 0.38 14.00 -26.17
CA VAL A 207 -0.17 13.36 -27.36
C VAL A 207 -1.54 13.93 -27.76
N GLY A 208 -2.29 14.38 -26.77
CA GLY A 208 -3.63 14.93 -27.02
C GLY A 208 -4.72 13.88 -26.83
N LYS A 209 -4.38 12.80 -26.15
CA LYS A 209 -5.35 11.73 -25.87
C LYS A 209 -5.94 11.89 -24.47
N HIS A 210 -5.78 13.08 -23.91
CA HIS A 210 -6.36 13.41 -22.62
C HIS A 210 -7.70 14.09 -22.83
N VAL A 211 -8.22 13.97 -24.05
CA VAL A 211 -9.48 14.58 -24.41
C VAL A 211 -10.59 13.53 -24.47
N LYS A 212 -11.80 14.00 -24.70
CA LYS A 212 -12.93 13.13 -24.93
C LYS A 212 -12.97 12.76 -26.41
N GLY A 213 -13.26 11.49 -26.71
CA GLY A 213 -13.61 10.52 -25.68
C GLY A 213 -12.59 9.41 -25.50
N TYR A 214 -11.65 9.63 -24.59
CA TYR A 214 -10.74 8.58 -24.15
C TYR A 214 -11.12 8.22 -22.72
N HIS A 215 -10.87 6.97 -22.33
CA HIS A 215 -11.13 6.58 -20.96
C HIS A 215 -9.90 5.91 -20.34
N TYR A 216 -9.56 6.36 -19.13
CA TYR A 216 -8.44 5.78 -18.41
C TYR A 216 -8.89 5.31 -17.03
N ILE A 217 -8.59 4.05 -16.73
CA ILE A 217 -8.80 3.53 -15.39
C ILE A 217 -7.45 3.42 -14.70
N ILE A 218 -7.31 4.12 -13.57
CA ILE A 218 -6.07 4.12 -12.83
C ILE A 218 -6.16 3.07 -11.71
N ALA A 219 -5.39 2.00 -11.87
CA ALA A 219 -5.46 0.85 -10.97
C ALA A 219 -4.57 1.05 -9.75
N ASN A 220 -4.99 1.91 -8.84
CA ASN A 220 -4.34 2.04 -7.56
C ASN A 220 -5.34 2.56 -6.53
N LEU A 221 -4.92 2.60 -5.27
CA LEU A 221 -5.82 2.89 -4.17
C LEU A 221 -5.82 4.36 -3.78
N GLY A 222 -5.16 5.19 -4.60
CA GLY A 222 -5.00 6.60 -4.29
C GLY A 222 -5.31 7.52 -5.45
N PHE A 223 -6.55 7.48 -5.92
CA PHE A 223 -6.97 8.33 -7.03
C PHE A 223 -6.61 9.78 -6.79
N LYS A 224 -6.76 10.24 -5.55
CA LYS A 224 -6.56 11.65 -5.22
C LYS A 224 -5.11 12.04 -5.02
N ASP A 225 -4.22 11.04 -5.03
CA ASP A 225 -2.80 11.29 -4.75
C ASP A 225 -2.10 11.93 -5.94
N ILE A 226 -2.78 11.93 -7.09
CA ILE A 226 -2.15 12.35 -8.33
C ILE A 226 -2.82 13.57 -8.96
N SER A 227 -2.03 14.33 -9.69
CA SER A 227 -2.51 15.53 -10.35
C SER A 227 -3.15 15.19 -11.68
N LEU A 228 -4.44 15.48 -11.81
CA LEU A 228 -5.19 15.19 -13.02
C LEU A 228 -5.77 16.46 -13.64
N GLU A 229 -5.23 17.61 -13.24
CA GLU A 229 -5.73 18.89 -13.71
C GLU A 229 -5.89 18.91 -15.23
N ARG A 230 -4.87 18.46 -15.94
CA ARG A 230 -4.88 18.49 -17.40
C ARG A 230 -6.03 17.67 -17.96
N PHE A 231 -6.30 16.53 -17.35
CA PHE A 231 -7.37 15.64 -17.82
C PHE A 231 -8.73 16.21 -17.48
N ILE A 232 -8.84 16.89 -16.35
CA ILE A 232 -10.06 17.60 -16.00
C ILE A 232 -10.38 18.60 -17.09
N HIS A 233 -9.34 19.21 -17.67
CA HIS A 233 -9.51 20.20 -18.72
C HIS A 233 -9.61 19.54 -20.11
N GLY A 234 -8.86 18.46 -20.30
CA GLY A 234 -8.88 17.75 -21.58
C GLY A 234 -10.24 17.17 -21.90
N GLY A 235 -10.90 16.62 -20.88
CA GLY A 235 -12.27 16.11 -21.03
C GLY A 235 -12.35 14.59 -21.13
N ALA A 236 -11.23 13.92 -20.92
CA ALA A 236 -11.22 12.46 -20.98
C ALA A 236 -11.87 11.84 -19.75
N ASN A 237 -12.43 10.64 -19.92
CA ASN A 237 -12.89 9.83 -18.81
C ASN A 237 -11.69 9.35 -18.00
N VAL A 238 -11.74 9.52 -16.69
CA VAL A 238 -10.74 8.93 -15.82
C VAL A 238 -11.38 8.40 -14.55
N THR A 239 -11.26 7.09 -14.35
CA THR A 239 -11.84 6.44 -13.18
C THR A 239 -10.72 5.89 -12.32
N GLY A 240 -10.94 5.88 -11.01
CA GLY A 240 -9.95 5.35 -10.08
C GLY A 240 -10.55 5.01 -8.74
N PHE A 241 -9.70 4.57 -7.81
CA PHE A 241 -10.16 4.14 -6.50
C PHE A 241 -9.53 4.99 -5.41
N GLN A 242 -10.29 5.21 -4.34
CA GLN A 242 -9.83 6.04 -3.23
C GLN A 242 -10.11 5.34 -1.90
N LEU A 243 -9.05 4.79 -1.32
CA LEU A 243 -9.16 4.02 -0.09
C LEU A 243 -9.37 4.92 1.12
N VAL A 244 -8.67 6.04 1.15
CA VAL A 244 -8.73 6.97 2.27
C VAL A 244 -9.82 8.01 2.06
N ASP A 245 -10.70 8.14 3.03
CA ASP A 245 -11.81 9.10 2.96
C ASP A 245 -11.45 10.36 3.73
N PHE A 246 -11.14 11.42 2.99
CA PHE A 246 -10.65 12.65 3.59
C PHE A 246 -11.76 13.46 4.30
N ASN A 247 -13.01 13.03 4.13
CA ASN A 247 -14.13 13.69 4.77
C ASN A 247 -14.59 12.95 6.02
N THR A 248 -13.65 12.41 6.79
CA THR A 248 -13.96 11.73 8.04
C THR A 248 -13.17 12.36 9.18
N PRO A 249 -13.73 12.33 10.39
CA PRO A 249 -13.11 12.95 11.56
C PRO A 249 -11.67 12.50 11.79
N MET A 250 -11.42 11.19 11.66
CA MET A 250 -10.11 10.63 11.93
C MET A 250 -9.07 11.16 10.94
N VAL A 251 -9.41 11.13 9.66
CA VAL A 251 -8.53 11.64 8.63
C VAL A 251 -8.38 13.16 8.78
N THR A 252 -9.48 13.83 9.06
CA THR A 252 -9.47 15.27 9.27
C THR A 252 -8.51 15.66 10.40
N LYS A 253 -8.61 14.96 11.52
CA LYS A 253 -7.73 15.25 12.65
C LYS A 253 -6.28 15.01 12.28
N LEU A 254 -6.01 13.95 11.51
CA LEU A 254 -4.66 13.68 11.07
C LEU A 254 -4.16 14.83 10.21
N MET A 255 -5.00 15.26 9.26
CA MET A 255 -4.65 16.36 8.38
C MET A 255 -4.36 17.63 9.18
N ASP A 256 -5.10 17.83 10.26
CA ASP A 256 -4.89 19.00 11.12
C ASP A 256 -3.44 19.04 11.61
N ARG A 257 -2.90 17.89 11.98
CA ARG A 257 -1.53 17.81 12.49
C ARG A 257 -0.54 17.74 11.33
N TRP A 258 -0.94 17.03 10.28
CA TRP A 258 -0.08 16.84 9.11
C TRP A 258 0.38 18.18 8.53
N LYS A 259 -0.53 19.13 8.46
CA LYS A 259 -0.25 20.42 7.84
C LYS A 259 0.65 21.32 8.70
N LYS A 260 0.81 20.94 9.97
CA LYS A 260 1.62 21.73 10.89
C LYS A 260 3.03 21.18 11.01
N LEU A 261 3.29 20.07 10.33
CA LEU A 261 4.61 19.43 10.37
C LEU A 261 5.66 20.31 9.71
N ASP A 262 6.86 20.32 10.28
CA ASP A 262 7.99 21.01 9.67
C ASP A 262 8.46 20.23 8.46
N GLN A 263 8.17 20.77 7.28
CA GLN A 263 8.39 20.07 6.02
C GLN A 263 9.86 19.79 5.74
N ARG A 264 10.75 20.45 6.47
CA ARG A 264 12.17 20.21 6.33
C ARG A 264 12.59 19.01 7.18
N GLU A 265 12.01 18.90 8.37
CA GLU A 265 12.31 17.79 9.28
C GLU A 265 11.49 16.56 8.92
N TYR A 266 10.33 16.78 8.33
CA TYR A 266 9.43 15.68 7.96
C TYR A 266 9.15 15.72 6.46
N PRO A 267 10.12 15.29 5.64
CA PRO A 267 9.93 15.37 4.20
C PRO A 267 8.69 14.60 3.76
N GLY A 268 7.91 15.18 2.86
CA GLY A 268 6.71 14.55 2.36
C GLY A 268 5.45 15.19 2.92
N SER A 269 5.60 15.97 3.99
CA SER A 269 4.47 16.64 4.61
C SER A 269 3.96 17.79 3.73
N GLU A 270 4.76 18.21 2.76
CA GLU A 270 4.37 19.33 1.90
C GLU A 270 3.15 19.01 1.05
N THR A 271 2.89 17.72 0.84
CA THR A 271 1.67 17.30 0.15
C THR A 271 0.86 16.39 1.06
N PRO A 272 -0.44 16.25 0.78
CA PRO A 272 -1.30 15.38 1.58
C PRO A 272 -0.80 13.95 1.55
N PRO A 273 -1.05 13.20 2.63
CA PRO A 273 -0.53 11.83 2.70
C PRO A 273 -1.06 10.98 1.56
N LYS A 274 -0.17 10.24 0.91
CA LYS A 274 -0.58 9.26 -0.09
C LYS A 274 -1.14 8.05 0.65
N TYR A 275 -1.78 7.15 -0.08
CA TYR A 275 -2.47 6.04 0.55
C TYR A 275 -1.47 5.10 1.22
N THR A 276 -0.23 5.11 0.74
CA THR A 276 0.82 4.28 1.34
C THR A 276 1.24 4.86 2.69
N SER A 277 1.18 6.18 2.80
CA SER A 277 1.47 6.85 4.06
C SER A 277 0.33 6.62 5.04
N ALA A 278 -0.89 6.67 4.56
CA ALA A 278 -2.05 6.38 5.39
C ALA A 278 -1.98 4.95 5.92
N LEU A 279 -1.54 4.03 5.05
CA LEU A 279 -1.41 2.62 5.42
C LEU A 279 -0.32 2.45 6.47
N THR A 280 0.74 3.23 6.35
CA THR A 280 1.85 3.16 7.29
C THR A 280 1.40 3.64 8.67
N TYR A 281 0.60 4.70 8.70
CA TYR A 281 0.06 5.22 9.94
C TYR A 281 -0.80 4.16 10.62
N ASP A 282 -1.71 3.57 9.85
CA ASP A 282 -2.57 2.50 10.35
C ASP A 282 -1.76 1.33 10.88
N GLY A 283 -0.64 1.04 10.24
CA GLY A 283 0.22 -0.07 10.65
C GLY A 283 0.71 0.10 12.07
N VAL A 284 0.98 1.35 12.46
CA VAL A 284 1.40 1.64 13.82
C VAL A 284 0.22 1.49 14.77
N LEU A 285 -0.95 1.94 14.33
CA LEU A 285 -2.17 1.74 15.09
C LEU A 285 -2.39 0.25 15.34
N VAL A 286 -2.19 -0.54 14.31
CA VAL A 286 -2.37 -1.99 14.41
C VAL A 286 -1.38 -2.61 15.41
N MET A 287 -0.13 -2.16 15.36
CA MET A 287 0.89 -2.66 16.26
C MET A 287 0.60 -2.26 17.71
N ALA A 288 0.16 -1.02 17.90
CA ALA A 288 -0.18 -0.53 19.24
C ALA A 288 -1.31 -1.38 19.83
N GLU A 289 -2.37 -1.57 19.06
CA GLU A 289 -3.49 -2.41 19.50
C GLU A 289 -3.02 -3.82 19.81
N THR A 290 -2.13 -4.34 18.98
CA THR A 290 -1.64 -5.70 19.16
C THR A 290 -0.88 -5.84 20.47
N PHE A 291 -0.05 -4.86 20.80
CA PHE A 291 0.72 -4.94 22.04
C PHE A 291 -0.17 -4.71 23.25
N ARG A 292 -1.19 -3.88 23.10
CA ARG A 292 -2.18 -3.72 24.16
C ARG A 292 -2.93 -5.03 24.40
N SER A 293 -3.20 -5.76 23.34
CA SER A 293 -3.90 -7.04 23.45
C SER A 293 -3.02 -8.08 24.12
N LEU A 294 -1.76 -8.15 23.70
CA LEU A 294 -0.80 -9.08 24.28
C LEU A 294 -0.69 -8.82 25.78
N ARG A 295 -0.75 -7.55 26.15
CA ARG A 295 -0.64 -7.14 27.54
C ARG A 295 -1.84 -7.63 28.34
N ARG A 296 -3.04 -7.44 27.77
CA ARG A 296 -4.25 -7.93 28.42
C ARG A 296 -4.20 -9.45 28.57
N GLN A 297 -3.64 -10.13 27.56
CA GLN A 297 -3.52 -11.59 27.59
C GLN A 297 -2.48 -12.04 28.60
N LYS A 298 -1.77 -11.08 29.19
CA LYS A 298 -0.72 -11.37 30.16
C LYS A 298 0.42 -12.17 29.53
N ILE A 299 0.73 -11.86 28.27
CA ILE A 299 1.87 -12.48 27.61
C ILE A 299 3.07 -11.54 27.68
N ASP A 300 3.92 -11.78 28.68
CA ASP A 300 5.07 -10.91 28.94
C ASP A 300 6.13 -11.10 27.86
N ILE A 301 5.94 -10.43 26.72
CA ILE A 301 6.83 -10.64 25.58
C ILE A 301 8.28 -10.29 25.92
N SER A 302 9.18 -11.21 25.60
CA SER A 302 10.60 -11.01 25.82
C SER A 302 11.39 -11.89 24.87
N ARG A 303 12.52 -11.39 24.39
CA ARG A 303 13.37 -12.16 23.50
C ARG A 303 14.70 -12.51 24.17
N ARG A 304 14.67 -12.58 25.50
CA ARG A 304 15.82 -13.04 26.27
C ARG A 304 15.76 -14.55 26.42
N GLY A 305 16.90 -15.22 26.25
CA GLY A 305 18.14 -14.54 25.92
C GLY A 305 18.61 -14.90 24.53
N ASN A 306 17.70 -14.81 23.56
CA ASN A 306 18.00 -15.15 22.18
C ASN A 306 19.39 -14.67 21.75
N ALA A 307 20.08 -15.49 20.98
CA ALA A 307 21.43 -15.16 20.51
C ALA A 307 21.43 -13.84 19.73
N GLY A 308 20.42 -13.64 18.90
CA GLY A 308 20.32 -12.42 18.10
C GLY A 308 20.98 -12.55 16.74
N ASP A 309 21.20 -13.79 16.31
CA ASP A 309 21.90 -14.06 15.05
C ASP A 309 20.95 -14.71 14.03
N CYS A 310 20.60 -13.96 12.99
CA CYS A 310 19.63 -14.43 12.00
C CYS A 310 20.10 -15.70 11.30
N LEU A 311 21.41 -15.90 11.24
CA LEU A 311 21.95 -17.05 10.52
C LEU A 311 22.31 -18.20 11.45
N ALA A 312 21.80 -18.15 12.67
CA ALA A 312 22.06 -19.19 13.66
C ALA A 312 21.55 -20.53 13.17
N ASN A 313 22.38 -21.57 13.30
CA ASN A 313 21.98 -22.93 12.99
C ASN A 313 22.11 -23.79 14.24
N PRO A 314 20.98 -24.37 14.70
CA PRO A 314 19.71 -24.29 13.99
C PRO A 314 19.04 -22.94 14.19
N ALA A 315 18.06 -22.64 13.36
CA ALA A 315 17.27 -21.44 13.53
C ALA A 315 16.54 -21.51 14.86
N ALA A 316 16.53 -20.41 15.60
CA ALA A 316 15.88 -20.37 16.91
C ALA A 316 14.73 -19.38 16.92
N PRO A 317 13.57 -19.79 16.37
CA PRO A 317 12.40 -18.92 16.28
C PRO A 317 11.88 -18.46 17.65
N TRP A 318 11.45 -17.20 17.72
CA TRP A 318 10.91 -16.64 18.95
C TRP A 318 9.64 -17.36 19.38
N GLY A 319 9.67 -17.95 20.57
CA GLY A 319 8.57 -18.79 21.04
C GLY A 319 7.26 -18.06 21.20
N GLN A 320 7.33 -16.75 21.44
CA GLN A 320 6.13 -15.94 21.62
C GLN A 320 5.68 -15.34 20.28
N GLY A 321 6.42 -15.63 19.23
CA GLY A 321 6.09 -15.12 17.90
C GLY A 321 4.72 -15.58 17.43
N ILE A 322 4.36 -16.81 17.80
CA ILE A 322 3.06 -17.37 17.42
C ILE A 322 1.91 -16.56 17.99
N ASP A 323 2.06 -16.11 19.23
CA ASP A 323 1.03 -15.31 19.89
C ASP A 323 0.92 -13.94 19.22
N MET A 324 2.07 -13.34 18.93
CA MET A 324 2.12 -12.05 18.27
C MET A 324 1.39 -12.11 16.94
N GLU A 325 1.69 -13.16 16.18
CA GLU A 325 1.14 -13.33 14.84
C GLU A 325 -0.36 -13.57 14.89
N ARG A 326 -0.80 -14.39 15.84
CA ARG A 326 -2.22 -14.68 15.99
C ARG A 326 -2.97 -13.43 16.43
N THR A 327 -2.36 -12.65 17.30
CA THR A 327 -3.00 -11.46 17.85
C THR A 327 -3.10 -10.35 16.81
N LEU A 328 -2.06 -10.22 15.99
CA LEU A 328 -2.05 -9.24 14.92
C LEU A 328 -3.26 -9.42 14.02
N LYS A 329 -3.52 -10.66 13.64
CA LYS A 329 -4.58 -10.97 12.68
C LYS A 329 -5.99 -10.82 13.24
N GLN A 330 -6.09 -10.75 14.57
CA GLN A 330 -7.38 -10.56 15.21
C GLN A 330 -7.70 -9.07 15.38
N VAL A 331 -6.75 -8.22 15.05
CA VAL A 331 -6.95 -6.78 15.20
C VAL A 331 -8.12 -6.32 14.34
N ARG A 332 -9.00 -5.53 14.94
CA ARG A 332 -10.08 -4.89 14.22
C ARG A 332 -10.28 -3.49 14.78
N ILE A 333 -9.81 -2.51 14.04
CA ILE A 333 -9.85 -1.13 14.48
C ILE A 333 -10.21 -0.21 13.31
N GLN A 334 -10.53 1.03 13.63
CA GLN A 334 -10.77 2.05 12.61
C GLN A 334 -9.49 2.81 12.37
N GLY A 335 -9.14 2.99 11.11
CA GLY A 335 -7.93 3.70 10.74
C GLY A 335 -8.17 4.67 9.60
N LEU A 336 -7.11 5.33 9.15
CA LEU A 336 -7.21 6.25 8.03
C LEU A 336 -7.79 5.55 6.82
N THR A 337 -7.53 4.25 6.72
CA THR A 337 -8.00 3.47 5.58
C THR A 337 -9.29 2.73 5.92
N GLY A 338 -10.02 3.23 6.89
CA GLY A 338 -11.33 2.68 7.23
C GLY A 338 -11.26 1.53 8.23
N ASN A 339 -12.19 0.59 8.11
CA ASN A 339 -12.16 -0.60 8.93
C ASN A 339 -10.93 -1.42 8.59
N VAL A 340 -10.03 -1.57 9.56
CA VAL A 340 -8.84 -2.39 9.40
C VAL A 340 -9.04 -3.72 10.10
N GLN A 341 -9.07 -4.79 9.30
CA GLN A 341 -9.43 -6.12 9.78
C GLN A 341 -8.80 -7.14 8.85
N PHE A 342 -8.51 -8.33 9.37
CA PHE A 342 -7.74 -9.31 8.61
C PHE A 342 -8.30 -10.72 8.68
N ASP A 343 -7.94 -11.54 7.70
CA ASP A 343 -8.22 -12.97 7.75
C ASP A 343 -6.95 -13.68 8.25
N HIS A 344 -7.01 -14.99 8.35
CA HIS A 344 -5.91 -15.73 8.96
C HIS A 344 -4.66 -15.74 8.08
N TYR A 345 -4.80 -15.34 6.82
CA TYR A 345 -3.64 -15.22 5.93
C TYR A 345 -3.00 -13.85 6.08
N GLY A 346 -3.58 -13.00 6.91
CA GLY A 346 -3.06 -11.65 7.14
C GLY A 346 -3.45 -10.69 6.04
N ARG A 347 -4.54 -11.00 5.33
CA ARG A 347 -5.02 -10.13 4.27
C ARG A 347 -6.19 -9.28 4.77
N ARG A 348 -6.29 -8.05 4.27
CA ARG A 348 -7.39 -7.17 4.63
C ARG A 348 -8.72 -7.80 4.21
N VAL A 349 -9.72 -7.71 5.09
CA VAL A 349 -11.08 -8.11 4.75
C VAL A 349 -12.06 -7.14 5.38
N ASN A 350 -13.30 -7.16 4.89
CA ASN A 350 -14.34 -6.26 5.39
C ASN A 350 -13.86 -4.82 5.25
N TYR A 351 -13.51 -4.44 4.02
CA TYR A 351 -13.04 -3.09 3.73
C TYR A 351 -13.78 -2.49 2.55
N THR A 352 -13.67 -1.18 2.39
CA THR A 352 -14.32 -0.50 1.29
C THR A 352 -13.40 0.56 0.70
N MET A 353 -13.70 0.95 -0.54
CA MET A 353 -12.99 2.02 -1.20
C MET A 353 -13.99 2.75 -2.06
N ASP A 354 -13.83 4.07 -2.19
CA ASP A 354 -14.70 4.84 -3.04
C ASP A 354 -14.25 4.71 -4.48
N VAL A 355 -15.19 4.84 -5.41
CA VAL A 355 -14.87 4.87 -6.82
C VAL A 355 -15.10 6.30 -7.34
N PHE A 356 -14.05 6.89 -7.89
CA PHE A 356 -14.12 8.28 -8.34
C PHE A 356 -14.04 8.39 -9.86
N GLU A 357 -14.79 9.34 -10.41
CA GLU A 357 -14.67 9.68 -11.82
C GLU A 357 -14.27 11.14 -11.95
N LEU A 358 -13.66 11.49 -13.08
CA LEU A 358 -13.23 12.86 -13.30
C LEU A 358 -14.31 13.63 -14.03
N LYS A 359 -14.81 14.69 -13.39
CA LYS A 359 -15.81 15.55 -14.00
C LYS A 359 -15.27 16.98 -14.06
N SER A 360 -15.90 17.81 -14.88
CA SER A 360 -15.47 19.20 -15.04
C SER A 360 -15.22 19.85 -13.67
N THR A 361 -16.12 19.61 -12.73
CA THR A 361 -16.02 20.20 -11.41
C THR A 361 -14.84 19.62 -10.63
N GLY A 362 -14.31 18.50 -11.13
CA GLY A 362 -13.21 17.81 -10.46
C GLY A 362 -13.58 16.36 -10.18
N PRO A 363 -12.81 15.70 -9.31
CA PRO A 363 -13.13 14.31 -8.98
C PRO A 363 -14.48 14.21 -8.29
N ARG A 364 -15.37 13.38 -8.83
CA ARG A 364 -16.64 13.14 -8.18
C ARG A 364 -16.85 11.65 -7.91
N LYS A 365 -17.33 11.35 -6.70
CA LYS A 365 -17.58 9.98 -6.31
C LYS A 365 -18.80 9.43 -7.03
N VAL A 366 -18.62 8.29 -7.70
CA VAL A 366 -19.70 7.67 -8.46
C VAL A 366 -20.17 6.37 -7.81
N GLY A 367 -19.54 6.00 -6.70
CA GLY A 367 -19.92 4.77 -6.01
C GLY A 367 -18.79 4.23 -5.13
N TYR A 368 -18.84 2.94 -4.84
CA TYR A 368 -17.82 2.30 -4.02
C TYR A 368 -17.73 0.80 -4.30
N TRP A 369 -16.72 0.17 -3.71
CA TRP A 369 -16.55 -1.27 -3.78
C TRP A 369 -16.14 -1.79 -2.42
N ASN A 370 -16.85 -2.80 -1.92
CA ASN A 370 -16.46 -3.47 -0.69
C ASN A 370 -16.54 -4.97 -0.91
N ASP A 371 -15.82 -5.75 -0.09
CA ASP A 371 -15.63 -7.16 -0.40
C ASP A 371 -16.89 -8.00 -0.16
N MET A 372 -17.92 -7.40 0.42
CA MET A 372 -19.19 -8.11 0.63
C MET A 372 -20.21 -7.75 -0.44
N ASP A 373 -20.29 -6.48 -0.80
CA ASP A 373 -21.30 -6.00 -1.76
C ASP A 373 -20.71 -5.84 -3.15
N LYS A 374 -19.39 -5.86 -3.26
CA LYS A 374 -18.73 -5.62 -4.53
C LYS A 374 -19.05 -4.21 -5.00
N LEU A 375 -19.22 -4.04 -6.31
CA LEU A 375 -19.40 -2.73 -6.91
C LEU A 375 -20.82 -2.18 -6.73
N VAL A 376 -20.93 -1.05 -6.05
CA VAL A 376 -22.21 -0.40 -5.85
C VAL A 376 -22.17 1.04 -6.34
N LEU A 377 -22.81 1.31 -7.47
CA LEU A 377 -22.82 2.65 -8.05
C LEU A 377 -24.01 3.47 -7.56
N ILE A 378 -23.84 4.79 -7.54
CA ILE A 378 -24.90 5.69 -7.15
C ILE A 378 -25.90 5.83 -8.29
N GLN A 379 -27.18 5.90 -7.95
CA GLN A 379 -28.24 5.97 -8.95
C GLN A 379 -29.56 6.43 -8.34
N ASP A 380 -30.29 7.26 -9.08
CA ASP A 380 -31.58 7.75 -8.60
C ASP A 380 -32.73 6.91 -9.16
C1 NAG B . -17.35 7.82 -19.67
C2 NAG B . -17.88 6.75 -20.64
C3 NAG B . -19.38 6.47 -20.47
C4 NAG B . -19.83 6.44 -19.01
C5 NAG B . -19.22 7.60 -18.25
C6 NAG B . -19.61 7.55 -16.77
C7 NAG B . -16.54 6.89 -22.68
C8 NAG B . -16.48 7.36 -24.10
N2 NAG B . -17.67 7.14 -22.02
O3 NAG B . -19.70 5.23 -21.07
O4 NAG B . -21.24 6.54 -18.99
O5 NAG B . -17.82 7.56 -18.37
O6 NAG B . -20.88 8.12 -16.60
O7 NAG B . -15.57 6.32 -22.18
C1 NAG B . -21.82 5.63 -18.05
C2 NAG B . -23.27 6.04 -17.81
C3 NAG B . -23.98 5.09 -16.86
C4 NAG B . -23.79 3.65 -17.32
C5 NAG B . -22.31 3.37 -17.55
C6 NAG B . -22.11 1.95 -18.06
C7 NAG B . -23.62 8.42 -18.11
C8 NAG B . -23.67 9.78 -17.48
N2 NAG B . -23.35 7.39 -17.30
O3 NAG B . -25.35 5.40 -16.82
O4 NAG B . -24.31 2.77 -16.35
O5 NAG B . -21.80 4.29 -18.49
O6 NAG B . -22.14 1.94 -19.47
O7 NAG B . -23.82 8.28 -19.31
C1 NAG C . -17.07 -5.13 9.41
C2 NAG C . -17.73 -6.19 10.29
C3 NAG C . -18.70 -5.58 11.31
C4 NAG C . -18.06 -4.42 12.07
C5 NAG C . -17.30 -3.47 11.15
C6 NAG C . -16.40 -2.59 11.99
C7 NAG C . -17.95 -8.37 9.21
C8 NAG C . -16.58 -8.66 9.74
N2 NAG C . -18.45 -7.16 9.50
O3 NAG C . -19.09 -6.57 12.23
O4 NAG C . -19.06 -3.68 12.73
O5 NAG C . -16.47 -4.16 10.24
O6 NAG C . -15.84 -1.59 11.18
O7 NAG C . -18.55 -9.20 8.53
C1 NAG C . -18.98 -3.88 14.16
C2 NAG C . -19.71 -2.74 14.86
C3 NAG C . -19.85 -2.97 16.35
C4 NAG C . -20.37 -4.37 16.62
C5 NAG C . -19.46 -5.37 15.92
C6 NAG C . -19.88 -6.80 16.20
C7 NAG C . -19.46 -0.61 13.71
C8 NAG C . -20.69 -0.98 12.94
N2 NAG C . -19.03 -1.48 14.62
O3 NAG C . -20.75 -2.01 16.90
O4 NAG C . -20.39 -4.62 18.00
O5 NAG C . -19.52 -5.12 14.53
O6 NAG C . -18.77 -7.64 16.09
O7 NAG C . -18.90 0.47 13.50
C1 NAG D . -7.86 5.57 25.96
C2 NAG D . -9.15 6.04 25.33
C3 NAG D . -10.13 4.87 25.20
C4 NAG D . -9.46 3.68 24.52
C5 NAG D . -8.09 3.38 25.12
C6 NAG D . -7.35 2.35 24.27
C7 NAG D . -9.95 8.33 25.57
C8 NAG D . -10.57 9.36 26.47
N2 NAG D . -9.76 7.12 26.10
O3 NAG D . -11.26 5.27 24.46
O4 NAG D . -10.28 2.55 24.64
O5 NAG D . -7.31 4.56 25.16
O6 NAG D . -6.95 2.95 23.06
O7 NAG D . -9.65 8.61 24.41
#